data_5EB2
#
_entry.id   5EB2
#
_cell.length_a   120.875
_cell.length_b   120.875
_cell.length_c   88.457
_cell.angle_alpha   90.000
_cell.angle_beta   90.000
_cell.angle_gamma   90.000
#
_symmetry.space_group_name_H-M   'P 43 21 2'
#
loop_
_entity.id
_entity.type
_entity.pdbx_description
1 polymer YfiR
2 non-polymer TRYPTOPHAN
3 non-polymer 'SULFATE ION'
4 water water
#
_entity_poly.entity_id   1
_entity_poly.type   'polypeptide(L)'
_entity_poly.pdbx_seq_one_letter_code
;GNSDDARTSIEQRSNAVSQVLLGIFSYVRWPKEPAVLQLCVVGPTEYADGLLRGMVQANGRRVHAERRAVDNPDLGTLCN
VIYLGVVDERERQQVFRSLAGHPVLSISERGTECSVGSMFCLNVGGPRITFEANLDSIARSGVRVHPSVLKLARRQATP
;
_entity_poly.pdbx_strand_id   A,B
#
loop_
_chem_comp.id
_chem_comp.type
_chem_comp.name
_chem_comp.formula
SO4 non-polymer 'SULFATE ION' 'O4 S -2'
#
# COMPACT_ATOMS: atom_id res chain seq x y z
N ARG A 7 -16.58 -12.57 -5.62
CA ARG A 7 -15.50 -11.58 -5.49
C ARG A 7 -14.26 -12.19 -4.82
N THR A 8 -13.09 -11.65 -5.17
CA THR A 8 -11.80 -12.13 -4.65
C THR A 8 -11.25 -11.30 -3.47
N SER A 9 -10.70 -12.00 -2.48
CA SER A 9 -10.16 -11.41 -1.25
C SER A 9 -8.84 -10.61 -1.44
N ILE A 10 -8.49 -9.76 -0.48
CA ILE A 10 -7.23 -9.00 -0.56
C ILE A 10 -6.03 -9.92 -0.48
N GLU A 11 -6.11 -10.97 0.33
CA GLU A 11 -5.00 -11.91 0.46
C GLU A 11 -4.86 -12.73 -0.81
N GLN A 12 -6.00 -13.19 -1.32
CA GLN A 12 -6.02 -13.90 -2.58
C GLN A 12 -5.39 -13.08 -3.72
N ARG A 13 -5.79 -11.82 -3.82
CA ARG A 13 -5.31 -10.95 -4.89
C ARG A 13 -3.81 -10.67 -4.74
N SER A 14 -3.38 -10.46 -3.51
CA SER A 14 -1.96 -10.26 -3.22
C SER A 14 -1.12 -11.45 -3.70
N ASN A 15 -1.59 -12.65 -3.40
CA ASN A 15 -0.84 -13.85 -3.72
C ASN A 15 -0.75 -14.02 -5.24
N ALA A 16 -1.85 -13.74 -5.93
CA ALA A 16 -1.89 -13.80 -7.38
C ALA A 16 -0.97 -12.76 -8.03
N VAL A 17 -0.91 -11.54 -7.48
CA VAL A 17 -0.03 -10.51 -8.03
C VAL A 17 1.40 -11.03 -8.00
N SER A 18 1.79 -11.66 -6.90
CA SER A 18 3.07 -12.33 -6.83
C SER A 18 3.32 -13.20 -8.07
N GLN A 19 2.34 -14.00 -8.42
CA GLN A 19 2.59 -14.99 -9.45
C GLN A 19 2.57 -14.34 -10.83
N VAL A 20 1.78 -13.30 -11.00
CA VAL A 20 1.76 -12.63 -12.29
C VAL A 20 3.09 -11.90 -12.50
N LEU A 21 3.60 -11.28 -11.46
CA LEU A 21 4.90 -10.64 -11.57
C LEU A 21 5.99 -11.67 -11.89
N LEU A 22 6.00 -12.82 -11.20
CA LEU A 22 6.95 -13.90 -11.54
C LEU A 22 6.83 -14.28 -12.99
N GLY A 23 5.59 -14.33 -13.47
CA GLY A 23 5.33 -14.62 -14.86
C GLY A 23 5.95 -13.61 -15.81
N ILE A 24 5.73 -12.33 -15.53
CA ILE A 24 6.24 -11.29 -16.40
C ILE A 24 7.77 -11.30 -16.38
N PHE A 25 8.37 -11.41 -15.18
CA PHE A 25 9.83 -11.38 -15.03
C PHE A 25 10.53 -12.37 -15.96
N SER A 26 9.81 -13.38 -16.41
CA SER A 26 10.43 -14.46 -17.15
C SER A 26 10.50 -14.15 -18.64
N TYR A 27 9.86 -13.06 -19.05
CA TYR A 27 9.99 -12.57 -20.42
C TYR A 27 10.89 -11.35 -20.46
N VAL A 28 11.60 -11.09 -19.38
CA VAL A 28 12.40 -9.89 -19.36
C VAL A 28 13.86 -10.23 -19.19
N ARG A 29 14.70 -9.63 -20.01
CA ARG A 29 16.14 -9.80 -19.87
C ARG A 29 16.83 -8.47 -19.67
N TRP A 30 17.69 -8.44 -18.66
CA TRP A 30 18.50 -7.27 -18.32
C TRP A 30 19.86 -7.42 -19.00
N PRO A 31 20.41 -6.29 -19.49
CA PRO A 31 21.68 -6.30 -20.24
C PRO A 31 22.82 -6.88 -19.42
N LYS A 32 22.84 -6.63 -18.11
CA LYS A 32 23.74 -7.36 -17.21
C LYS A 32 22.95 -7.95 -16.03
N GLU A 33 22.56 -9.21 -16.18
CA GLU A 33 21.77 -9.91 -15.17
C GLU A 33 22.50 -9.93 -13.82
N PRO A 34 21.81 -9.50 -12.75
CA PRO A 34 22.36 -9.53 -11.39
C PRO A 34 22.13 -10.84 -10.66
N ALA A 35 22.98 -11.09 -9.66
CA ALA A 35 22.88 -12.27 -8.81
C ALA A 35 21.54 -12.28 -8.05
N VAL A 36 21.14 -11.10 -7.59
CA VAL A 36 19.88 -10.93 -6.90
C VAL A 36 19.08 -9.81 -7.57
N LEU A 37 17.92 -10.16 -8.12
CA LEU A 37 17.00 -9.18 -8.72
C LEU A 37 16.45 -8.26 -7.64
N GLN A 38 16.64 -6.95 -7.81
CA GLN A 38 16.19 -5.97 -6.82
C GLN A 38 14.85 -5.38 -7.22
N LEU A 39 13.83 -5.59 -6.40
CA LEU A 39 12.50 -5.04 -6.68
C LEU A 39 12.15 -3.96 -5.67
N CYS A 40 11.65 -2.84 -6.17
CA CYS A 40 11.30 -1.71 -5.32
C CYS A 40 9.81 -1.40 -5.42
N VAL A 41 9.15 -1.32 -4.27
CA VAL A 41 7.74 -0.92 -4.22
C VAL A 41 7.69 0.56 -3.90
N VAL A 42 7.08 1.35 -4.77
CA VAL A 42 7.12 2.79 -4.59
C VAL A 42 5.71 3.36 -4.59
N GLY A 43 5.38 4.13 -3.56
CA GLY A 43 4.05 4.70 -3.41
C GLY A 43 3.11 3.75 -2.69
N PRO A 44 1.95 4.26 -2.24
CA PRO A 44 0.98 3.44 -1.52
C PRO A 44 0.49 2.29 -2.36
N THR A 45 0.43 1.09 -1.79
CA THR A 45 -0.05 -0.08 -2.52
C THR A 45 -0.97 -0.91 -1.65
N GLU A 46 -1.92 -1.56 -2.31
CA GLU A 46 -2.88 -2.42 -1.65
C GLU A 46 -2.44 -3.88 -1.73
N TYR A 47 -1.69 -4.25 -2.78
CA TYR A 47 -1.50 -5.65 -3.20
C TYR A 47 -0.04 -6.12 -3.25
N ALA A 48 0.83 -5.42 -2.57
CA ALA A 48 2.25 -5.72 -2.63
C ALA A 48 2.76 -6.51 -1.42
N ASP A 49 1.90 -6.83 -0.45
CA ASP A 49 2.38 -7.48 0.76
C ASP A 49 2.98 -8.87 0.48
N GLY A 50 2.53 -9.52 -0.59
CA GLY A 50 3.11 -10.77 -1.04
C GLY A 50 4.51 -10.60 -1.61
N LEU A 51 4.64 -9.78 -2.66
CA LEU A 51 5.94 -9.28 -3.14
C LEU A 51 6.99 -9.03 -2.03
N LEU A 52 6.59 -8.34 -0.98
CA LEU A 52 7.56 -7.86 0.00
C LEU A 52 8.06 -8.97 0.94
N ARG A 53 7.58 -10.19 0.73
CA ARG A 53 8.10 -11.34 1.45
C ARG A 53 9.39 -11.85 0.80
N GLY A 54 9.71 -11.28 -0.37
CA GLY A 54 10.79 -11.78 -1.19
C GLY A 54 10.23 -12.89 -2.08
N MET A 55 10.75 -13.01 -3.29
CA MET A 55 10.28 -14.08 -4.15
C MET A 55 11.46 -14.90 -4.62
N VAL A 56 11.17 -16.00 -5.33
CA VAL A 56 12.23 -16.73 -5.99
C VAL A 56 11.82 -17.11 -7.41
N GLN A 57 12.69 -16.83 -8.38
CA GLN A 57 12.44 -17.18 -9.78
C GLN A 57 12.68 -18.67 -10.03
N ALA A 58 12.30 -19.18 -11.20
CA ALA A 58 12.37 -20.63 -11.40
C ALA A 58 13.80 -21.11 -11.58
N ASN A 59 14.72 -20.22 -11.94
CA ASN A 59 16.13 -20.60 -12.03
C ASN A 59 16.81 -20.47 -10.66
N GLY A 60 16.04 -20.06 -9.66
CA GLY A 60 16.58 -19.96 -8.31
C GLY A 60 17.16 -18.62 -7.92
N ARG A 61 17.10 -17.65 -8.84
CA ARG A 61 17.49 -16.29 -8.48
C ARG A 61 16.50 -15.70 -7.50
N ARG A 62 17.00 -15.10 -6.42
CA ARG A 62 16.16 -14.49 -5.41
C ARG A 62 15.73 -13.12 -5.86
N VAL A 63 14.49 -12.76 -5.55
CA VAL A 63 14.03 -11.41 -5.81
C VAL A 63 13.88 -10.72 -4.47
N HIS A 64 14.71 -9.72 -4.22
CA HIS A 64 14.64 -8.99 -2.97
C HIS A 64 13.77 -7.76 -3.12
N ALA A 65 12.81 -7.61 -2.22
CA ALA A 65 11.84 -6.52 -2.32
C ALA A 65 11.91 -5.59 -1.12
N GLU A 66 11.72 -4.30 -1.38
CA GLU A 66 11.52 -3.33 -0.32
C GLU A 66 10.89 -2.07 -0.85
N ARG A 67 10.29 -1.29 0.05
CA ARG A 67 9.63 -0.05 -0.32
C ARG A 67 10.68 1.02 -0.43
N ARG A 68 10.52 1.94 -1.39
CA ARG A 68 11.37 3.12 -1.43
C ARG A 68 10.53 4.36 -1.61
N ALA A 69 11.10 5.50 -1.20
CA ALA A 69 10.38 6.76 -1.25
C ALA A 69 10.22 7.24 -2.68
N VAL A 70 9.07 7.84 -2.97
CA VAL A 70 8.78 8.34 -4.31
C VAL A 70 9.84 9.30 -4.82
N ASP A 71 10.40 10.09 -3.93
CA ASP A 71 11.36 11.10 -4.34
C ASP A 71 12.80 10.68 -4.15
N ASN A 72 13.06 9.37 -4.09
CA ASN A 72 14.44 8.89 -4.06
C ASN A 72 15.06 9.02 -5.45
N PRO A 73 16.07 9.90 -5.56
CA PRO A 73 16.71 10.18 -6.85
C PRO A 73 17.41 8.97 -7.49
N ASP A 74 17.67 7.93 -6.70
CA ASP A 74 18.50 6.83 -7.18
C ASP A 74 17.72 5.54 -7.43
N LEU A 75 16.41 5.67 -7.62
CA LEU A 75 15.60 4.52 -7.96
C LEU A 75 16.17 3.73 -9.16
N GLY A 76 16.53 4.42 -10.25
CA GLY A 76 17.00 3.74 -11.45
C GLY A 76 18.27 2.92 -11.21
N THR A 77 18.97 3.28 -10.15
CA THR A 77 20.22 2.63 -9.76
C THR A 77 19.96 1.52 -8.76
N LEU A 78 19.07 1.78 -7.79
CA LEU A 78 18.81 0.85 -6.71
C LEU A 78 17.90 -0.31 -7.11
N CYS A 79 17.19 -0.17 -8.22
CA CYS A 79 16.11 -1.08 -8.60
C CYS A 79 16.35 -1.71 -9.95
N ASN A 80 16.07 -3.01 -10.05
CA ASN A 80 15.94 -3.68 -11.32
C ASN A 80 14.48 -3.63 -11.80
N VAL A 81 13.57 -3.66 -10.84
CA VAL A 81 12.14 -3.66 -11.08
C VAL A 81 11.46 -2.64 -10.18
N ILE A 82 10.49 -1.92 -10.73
CA ILE A 82 9.69 -0.99 -9.96
C ILE A 82 8.24 -1.47 -9.94
N TYR A 83 7.68 -1.62 -8.75
CA TYR A 83 6.23 -1.88 -8.64
C TYR A 83 5.63 -0.58 -8.10
N LEU A 84 4.81 0.06 -8.94
CA LEU A 84 4.42 1.44 -8.70
C LEU A 84 2.98 1.57 -8.19
N GLY A 85 2.82 2.33 -7.12
CA GLY A 85 1.51 2.48 -6.52
C GLY A 85 0.87 3.78 -6.94
N VAL A 86 0.17 4.37 -6.00
CA VAL A 86 -0.63 5.55 -6.26
C VAL A 86 0.22 6.79 -6.07
N VAL A 87 0.42 7.53 -7.15
CA VAL A 87 1.24 8.74 -7.11
C VAL A 87 0.52 9.82 -7.91
N ASP A 88 0.79 11.08 -7.62
CA ASP A 88 0.13 12.15 -8.35
C ASP A 88 0.92 12.50 -9.61
N GLU A 89 0.50 13.54 -10.31
CA GLU A 89 1.11 13.88 -11.58
C GLU A 89 2.61 14.15 -11.42
N ARG A 90 2.98 14.92 -10.41
CA ARG A 90 4.36 15.34 -10.23
C ARG A 90 5.25 14.23 -9.70
N GLU A 91 4.69 13.41 -8.82
CA GLU A 91 5.44 12.30 -8.27
C GLU A 91 5.78 11.27 -9.36
N ARG A 92 4.82 11.03 -10.25
CA ARG A 92 5.04 10.15 -11.38
C ARG A 92 6.17 10.70 -12.25
N GLN A 93 6.11 12.00 -12.57
CA GLN A 93 7.19 12.60 -13.34
C GLN A 93 8.55 12.38 -12.65
N GLN A 94 8.58 12.54 -11.34
CA GLN A 94 9.81 12.35 -10.57
C GLN A 94 10.33 10.94 -10.75
N VAL A 95 9.45 9.95 -10.54
CA VAL A 95 9.85 8.55 -10.62
C VAL A 95 10.42 8.18 -12.00
N PHE A 96 9.66 8.47 -13.05
CA PHE A 96 10.05 8.02 -14.40
C PHE A 96 11.20 8.83 -14.99
N ARG A 97 11.46 10.01 -14.45
CA ARG A 97 12.68 10.73 -14.81
C ARG A 97 13.89 10.06 -14.14
N SER A 98 13.73 9.63 -12.89
CA SER A 98 14.76 8.84 -12.17
C SER A 98 15.15 7.54 -12.88
N LEU A 99 14.24 6.97 -13.66
CA LEU A 99 14.48 5.71 -14.36
C LEU A 99 14.97 5.88 -15.79
N ALA A 100 14.91 7.09 -16.33
CA ALA A 100 15.34 7.31 -17.70
C ALA A 100 16.83 6.98 -17.85
N GLY A 101 17.17 6.17 -18.84
CA GLY A 101 18.54 5.82 -19.10
C GLY A 101 19.03 4.60 -18.34
N HIS A 102 18.23 4.08 -17.42
CA HIS A 102 18.59 2.85 -16.71
C HIS A 102 17.75 1.68 -17.19
N PRO A 103 18.28 0.45 -17.07
CA PRO A 103 17.55 -0.77 -17.45
C PRO A 103 16.59 -1.28 -16.38
N VAL A 104 15.38 -0.71 -16.37
CA VAL A 104 14.39 -0.96 -15.34
C VAL A 104 13.04 -1.40 -15.89
N LEU A 105 12.51 -2.51 -15.38
CA LEU A 105 11.15 -2.94 -15.62
C LEU A 105 10.17 -2.25 -14.68
N SER A 106 9.11 -1.67 -15.20
CA SER A 106 8.12 -0.99 -14.34
C SER A 106 6.74 -1.60 -14.53
N ILE A 107 6.10 -1.90 -13.41
CA ILE A 107 4.75 -2.46 -13.38
C ILE A 107 3.89 -1.65 -12.41
N SER A 108 2.71 -1.22 -12.85
CA SER A 108 1.80 -0.49 -11.97
C SER A 108 0.75 -1.38 -11.36
N GLU A 109 0.42 -1.12 -10.10
CA GLU A 109 -0.67 -1.82 -9.45
C GLU A 109 -1.99 -1.49 -10.14
N ARG A 110 -2.15 -0.25 -10.58
CA ARG A 110 -3.40 0.12 -11.26
C ARG A 110 -3.21 0.37 -12.74
N GLY A 111 -4.30 0.23 -13.49
CA GLY A 111 -4.25 0.23 -14.94
C GLY A 111 -4.50 1.56 -15.61
N THR A 112 -4.00 2.64 -15.01
CA THR A 112 -4.16 3.97 -15.56
C THR A 112 -2.80 4.53 -15.94
N GLU A 113 -1.73 3.92 -15.44
CA GLU A 113 -0.40 4.52 -15.59
C GLU A 113 0.29 4.09 -16.90
N CYS A 114 -0.41 3.29 -17.70
CA CYS A 114 0.14 2.83 -18.97
C CYS A 114 0.21 3.93 -20.00
N SER A 115 -0.43 5.07 -19.70
CA SER A 115 -0.39 6.22 -20.60
C SER A 115 0.73 7.17 -20.23
N VAL A 116 1.40 6.91 -19.11
CA VAL A 116 2.24 7.96 -18.54
C VAL A 116 3.63 7.48 -18.09
N GLY A 117 3.93 6.19 -18.28
CA GLY A 117 5.30 5.76 -18.17
C GLY A 117 5.54 4.32 -17.76
N SER A 118 4.50 3.67 -17.30
CA SER A 118 4.67 2.32 -16.80
C SER A 118 4.70 1.35 -17.98
N MET A 119 5.53 0.30 -17.90
CA MET A 119 5.60 -0.65 -19.00
C MET A 119 4.42 -1.61 -18.97
N PHE A 120 4.06 -2.10 -17.77
CA PHE A 120 2.90 -2.97 -17.58
C PHE A 120 2.00 -2.39 -16.50
N CYS A 121 0.70 -2.61 -16.66
CA CYS A 121 -0.32 -2.04 -15.77
C CYS A 121 -1.31 -3.10 -15.35
N LEU A 122 -1.31 -3.42 -14.06
CA LEU A 122 -2.19 -4.49 -13.56
C LEU A 122 -3.61 -4.01 -13.45
N ASN A 123 -4.54 -4.92 -13.70
CA ASN A 123 -5.94 -4.71 -13.40
C ASN A 123 -6.34 -5.81 -12.40
N VAL A 124 -6.42 -5.46 -11.13
CA VAL A 124 -6.60 -6.46 -10.08
C VAL A 124 -8.10 -6.74 -9.80
N GLY A 125 -8.98 -5.92 -10.35
CA GLY A 125 -10.40 -6.23 -10.25
C GLY A 125 -10.78 -7.46 -11.08
N GLY A 126 -11.93 -8.05 -10.76
CA GLY A 126 -12.44 -9.16 -11.53
C GLY A 126 -12.10 -10.53 -10.95
N PRO A 127 -12.41 -11.60 -11.70
CA PRO A 127 -12.07 -12.96 -11.30
C PRO A 127 -10.57 -13.25 -11.38
N ARG A 128 -9.88 -12.68 -12.37
CA ARG A 128 -8.45 -12.89 -12.48
C ARG A 128 -7.72 -11.54 -12.60
N ILE A 129 -6.40 -11.59 -12.44
CA ILE A 129 -5.56 -10.44 -12.66
C ILE A 129 -5.13 -10.31 -14.11
N THR A 130 -5.56 -9.23 -14.75
CA THR A 130 -5.16 -8.98 -16.12
C THR A 130 -4.16 -7.84 -16.13
N PHE A 131 -3.47 -7.64 -17.25
CA PHE A 131 -2.61 -6.49 -17.37
C PHE A 131 -2.53 -6.00 -18.80
N GLU A 132 -2.08 -4.76 -18.94
CA GLU A 132 -1.91 -4.14 -20.24
C GLU A 132 -0.49 -3.58 -20.32
N ALA A 133 -0.03 -3.26 -21.52
CA ALA A 133 1.36 -2.83 -21.67
C ALA A 133 1.48 -1.67 -22.65
N ASN A 134 2.63 -0.99 -22.60
CA ASN A 134 2.83 0.17 -23.47
C ASN A 134 4.14 0.05 -24.24
N LEU A 135 4.04 0.04 -25.57
CA LEU A 135 5.19 -0.20 -26.46
C LEU A 135 6.28 0.87 -26.34
N ASP A 136 5.86 2.13 -26.28
CA ASP A 136 6.75 3.27 -26.14
C ASP A 136 7.63 3.14 -24.88
N SER A 137 6.99 3.02 -23.71
CA SER A 137 7.68 2.79 -22.46
C SER A 137 8.62 1.58 -22.47
N ILE A 138 8.16 0.47 -23.07
CA ILE A 138 8.96 -0.74 -23.16
C ILE A 138 10.22 -0.51 -24.01
N ALA A 139 10.06 0.15 -25.15
CA ALA A 139 11.18 0.38 -26.04
C ALA A 139 12.28 1.25 -25.41
N ARG A 140 11.89 2.25 -24.60
CA ARG A 140 12.89 3.12 -23.98
C ARG A 140 13.39 2.57 -22.63
N SER A 141 12.90 1.39 -22.24
CA SER A 141 13.18 0.83 -20.91
C SER A 141 14.64 0.46 -20.62
N GLY A 142 15.38 0.05 -21.65
CA GLY A 142 16.71 -0.50 -21.46
C GLY A 142 16.75 -2.01 -21.20
N VAL A 143 15.61 -2.63 -20.90
CA VAL A 143 15.56 -4.08 -20.78
C VAL A 143 14.98 -4.65 -22.07
N ARG A 144 15.08 -5.96 -22.23
CA ARG A 144 14.50 -6.64 -23.39
C ARG A 144 13.29 -7.48 -22.98
N VAL A 145 12.15 -7.21 -23.59
CA VAL A 145 10.92 -7.94 -23.30
C VAL A 145 10.49 -8.83 -24.44
N HIS A 146 10.34 -10.13 -24.19
CA HIS A 146 9.80 -11.01 -25.23
C HIS A 146 8.31 -10.76 -25.47
N PRO A 147 7.88 -10.67 -26.74
CA PRO A 147 6.46 -10.39 -27.02
C PRO A 147 5.50 -11.45 -26.50
N SER A 148 5.99 -12.64 -26.18
CA SER A 148 5.13 -13.71 -25.68
C SER A 148 4.52 -13.36 -24.33
N VAL A 149 5.02 -12.30 -23.69
CA VAL A 149 4.55 -11.88 -22.38
C VAL A 149 3.06 -11.58 -22.44
N LEU A 150 2.55 -11.30 -23.64
CA LEU A 150 1.13 -11.02 -23.79
C LEU A 150 0.28 -12.30 -23.79
N LYS A 151 0.91 -13.46 -24.00
CA LYS A 151 0.22 -14.76 -23.83
C LYS A 151 -0.32 -14.86 -22.40
N LEU A 152 0.36 -14.19 -21.49
CA LEU A 152 0.02 -14.23 -20.09
C LEU A 152 -1.12 -13.26 -19.74
N ALA A 153 -1.24 -12.17 -20.49
CA ALA A 153 -2.34 -11.23 -20.22
C ALA A 153 -3.61 -11.74 -20.88
N ARG A 154 -3.44 -12.32 -22.06
CA ARG A 154 -4.56 -12.79 -22.89
C ARG A 154 -5.28 -13.96 -22.21
N ARG A 155 -4.52 -14.98 -21.80
CA ARG A 155 -5.09 -16.16 -21.15
C ARG A 155 -5.65 -15.81 -19.75
N GLN A 156 -5.16 -14.72 -19.16
CA GLN A 156 -5.71 -14.19 -17.90
C GLN A 156 -7.03 -13.43 -18.12
N ALA A 157 -7.17 -12.80 -19.29
CA ALA A 157 -8.39 -12.04 -19.63
C ALA A 157 -9.51 -12.96 -20.13
N THR A 158 -9.26 -14.27 -20.05
CA THR A 158 -10.17 -15.29 -20.55
C THR A 158 -10.96 -15.97 -19.41
N PRO A 159 -12.30 -16.05 -19.55
CA PRO A 159 -13.12 -16.81 -18.60
C PRO A 159 -12.78 -18.30 -18.57
N ARG B 7 18.15 -0.70 6.99
CA ARG B 7 16.87 -0.07 7.32
C ARG B 7 16.76 1.30 6.65
N THR B 8 16.00 1.36 5.54
CA THR B 8 15.76 2.63 4.83
C THR B 8 14.64 3.47 5.51
N SER B 9 14.46 4.71 5.05
CA SER B 9 13.58 5.65 5.72
C SER B 9 12.08 5.39 5.52
N ILE B 10 11.71 4.52 4.58
CA ILE B 10 10.31 4.10 4.53
C ILE B 10 10.04 3.09 5.66
N GLU B 11 10.99 2.19 5.88
CA GLU B 11 10.91 1.22 6.96
C GLU B 11 10.99 1.91 8.31
N GLN B 12 11.83 2.93 8.41
CA GLN B 12 11.96 3.67 9.65
C GLN B 12 10.67 4.44 9.89
N ARG B 13 10.15 5.15 8.88
CA ARG B 13 8.89 5.85 9.05
C ARG B 13 7.74 4.90 9.42
N SER B 14 7.80 3.69 8.87
CA SER B 14 6.79 2.69 9.19
C SER B 14 6.82 2.29 10.66
N ASN B 15 8.02 2.17 11.22
CA ASN B 15 8.15 1.82 12.61
C ASN B 15 7.59 2.95 13.45
N ALA B 16 7.93 4.18 13.07
CA ALA B 16 7.43 5.33 13.80
C ALA B 16 5.90 5.37 13.74
N VAL B 17 5.34 5.04 12.57
CA VAL B 17 3.89 4.99 12.41
C VAL B 17 3.28 4.02 13.41
N SER B 18 3.92 2.88 13.58
CA SER B 18 3.51 1.90 14.59
C SER B 18 3.44 2.54 15.96
N GLN B 19 4.56 3.14 16.38
CA GLN B 19 4.70 3.76 17.69
C GLN B 19 3.60 4.81 17.93
N VAL B 20 3.40 5.68 16.95
CA VAL B 20 2.39 6.72 17.08
C VAL B 20 0.98 6.12 17.29
N LEU B 21 0.62 5.10 16.51
CA LEU B 21 -0.69 4.45 16.68
C LEU B 21 -0.83 3.83 18.05
N LEU B 22 0.20 3.13 18.51
CA LEU B 22 0.17 2.54 19.85
C LEU B 22 -0.09 3.60 20.90
N GLY B 23 0.56 4.76 20.73
CA GLY B 23 0.37 5.90 21.61
C GLY B 23 -1.10 6.31 21.61
N ILE B 24 -1.61 6.58 20.41
CA ILE B 24 -3.00 7.01 20.28
C ILE B 24 -3.98 6.01 20.90
N PHE B 25 -3.73 4.73 20.68
CA PHE B 25 -4.58 3.66 21.21
C PHE B 25 -4.73 3.75 22.73
N SER B 26 -3.68 4.16 23.42
CA SER B 26 -3.70 4.17 24.87
C SER B 26 -4.69 5.21 25.43
N TYR B 27 -5.19 6.09 24.56
CA TYR B 27 -6.12 7.14 24.94
C TYR B 27 -7.55 6.88 24.46
N VAL B 28 -7.76 5.71 23.86
CA VAL B 28 -9.08 5.34 23.36
C VAL B 28 -9.65 4.20 24.21
N ARG B 29 -10.97 4.16 24.34
CA ARG B 29 -11.65 3.12 25.09
C ARG B 29 -12.87 2.64 24.34
N TRP B 30 -13.02 1.34 24.25
CA TRP B 30 -14.18 0.77 23.57
C TRP B 30 -15.27 0.47 24.60
N PRO B 31 -16.54 0.54 24.18
CA PRO B 31 -17.68 0.26 25.07
C PRO B 31 -17.54 -1.14 25.68
N LYS B 32 -17.42 -2.14 24.81
CA LYS B 32 -17.09 -3.49 25.23
C LYS B 32 -15.69 -3.84 24.72
N GLU B 33 -14.71 -3.82 25.61
CA GLU B 33 -13.31 -4.02 25.25
C GLU B 33 -13.07 -5.46 24.80
N PRO B 34 -12.50 -5.63 23.59
CA PRO B 34 -12.20 -6.96 23.04
C PRO B 34 -10.91 -7.55 23.59
N ALA B 35 -10.81 -8.88 23.54
CA ALA B 35 -9.61 -9.59 23.99
C ALA B 35 -8.43 -9.32 23.06
N VAL B 36 -8.73 -9.27 21.77
CA VAL B 36 -7.72 -8.96 20.76
C VAL B 36 -8.24 -7.73 20.04
N LEU B 37 -7.38 -6.73 19.86
CA LEU B 37 -7.80 -5.54 19.16
C LEU B 37 -7.65 -5.77 17.66
N GLN B 38 -8.76 -5.72 16.93
CA GLN B 38 -8.74 -5.89 15.48
C GLN B 38 -8.38 -4.60 14.78
N LEU B 39 -7.25 -4.60 14.07
CA LEU B 39 -6.92 -3.46 13.22
C LEU B 39 -7.07 -3.85 11.75
N CYS B 40 -7.78 -3.00 11.01
CA CYS B 40 -7.92 -3.19 9.56
C CYS B 40 -7.20 -2.12 8.74
N VAL B 41 -6.36 -2.57 7.82
CA VAL B 41 -5.72 -1.67 6.88
C VAL B 41 -6.51 -1.69 5.58
N VAL B 42 -7.01 -0.52 5.18
CA VAL B 42 -7.96 -0.39 4.09
C VAL B 42 -7.49 0.63 3.08
N GLY B 43 -7.32 0.21 1.83
CA GLY B 43 -6.83 1.09 0.80
C GLY B 43 -5.32 1.02 0.60
N PRO B 44 -4.82 1.62 -0.47
CA PRO B 44 -3.37 1.70 -0.69
C PRO B 44 -2.68 2.48 0.42
N THR B 45 -1.63 1.88 0.98
CA THR B 45 -0.84 2.51 2.03
C THR B 45 0.64 2.35 1.76
N GLU B 46 1.43 3.26 2.31
CA GLU B 46 2.87 3.29 2.09
C GLU B 46 3.61 2.89 3.38
N TYR B 47 2.97 3.11 4.54
CA TYR B 47 3.65 3.02 5.83
C TYR B 47 3.00 2.02 6.82
N ALA B 48 2.22 1.10 6.30
CA ALA B 48 1.51 0.15 7.14
C ALA B 48 2.21 -1.21 7.31
N ASP B 49 3.42 -1.40 6.79
CA ASP B 49 4.02 -2.75 6.89
C ASP B 49 4.38 -3.15 8.32
N GLY B 50 4.57 -2.19 9.21
CA GLY B 50 4.83 -2.48 10.61
C GLY B 50 3.57 -2.88 11.37
N LEU B 51 2.49 -2.15 11.17
CA LEU B 51 1.19 -2.54 11.69
C LEU B 51 0.84 -3.97 11.30
N LEU B 52 1.12 -4.33 10.05
CA LEU B 52 0.66 -5.62 9.55
C LEU B 52 1.41 -6.80 10.16
N ARG B 53 2.60 -6.54 10.71
CA ARG B 53 3.35 -7.58 11.41
C ARG B 53 2.73 -7.87 12.79
N GLY B 54 1.71 -7.11 13.17
CA GLY B 54 1.08 -7.25 14.46
C GLY B 54 1.79 -6.45 15.54
N MET B 55 1.03 -6.07 16.56
CA MET B 55 1.52 -5.25 17.65
C MET B 55 0.98 -5.75 18.98
N VAL B 56 1.54 -5.27 20.07
CA VAL B 56 0.96 -5.54 21.37
C VAL B 56 1.02 -4.29 22.25
N GLN B 57 -0.11 -3.96 22.85
CA GLN B 57 -0.19 -2.76 23.70
C GLN B 57 0.58 -2.96 25.01
N ALA B 58 0.82 -1.86 25.71
CA ALA B 58 1.53 -1.93 26.98
C ALA B 58 0.73 -2.77 27.98
N ASN B 59 -0.61 -2.68 27.88
CA ASN B 59 -1.51 -3.44 28.77
C ASN B 59 -1.54 -4.95 28.48
N GLY B 60 -0.85 -5.38 27.43
CA GLY B 60 -0.73 -6.80 27.12
C GLY B 60 -1.57 -7.26 25.96
N ARG B 61 -2.62 -6.51 25.65
CA ARG B 61 -3.55 -6.87 24.58
C ARG B 61 -2.89 -6.86 23.21
N ARG B 62 -3.18 -7.90 22.44
CA ARG B 62 -2.62 -8.09 21.11
C ARG B 62 -3.40 -7.29 20.07
N VAL B 63 -2.67 -6.63 19.17
CA VAL B 63 -3.30 -6.00 18.01
C VAL B 63 -3.08 -6.87 16.79
N HIS B 64 -4.17 -7.45 16.30
CA HIS B 64 -4.13 -8.24 15.11
C HIS B 64 -4.47 -7.38 13.90
N ALA B 65 -3.57 -7.33 12.93
CA ALA B 65 -3.78 -6.45 11.78
C ALA B 65 -3.99 -7.27 10.50
N GLU B 66 -4.85 -6.77 9.62
CA GLU B 66 -5.18 -7.45 8.36
C GLU B 66 -5.63 -6.42 7.33
N ARG B 67 -5.30 -6.62 6.06
CA ARG B 67 -5.89 -5.79 5.03
C ARG B 67 -7.33 -6.21 4.79
N ARG B 68 -8.17 -5.23 4.49
CA ARG B 68 -9.52 -5.51 4.04
C ARG B 68 -9.84 -4.57 2.88
N ALA B 69 -10.75 -4.99 2.01
CA ALA B 69 -11.09 -4.24 0.81
C ALA B 69 -11.96 -3.02 1.10
N VAL B 70 -11.80 -1.97 0.30
CA VAL B 70 -12.55 -0.75 0.48
C VAL B 70 -14.07 -0.97 0.44
N ASP B 71 -14.49 -1.92 -0.39
CA ASP B 71 -15.91 -2.21 -0.60
C ASP B 71 -16.44 -3.33 0.29
N ASN B 72 -15.63 -3.74 1.27
CA ASN B 72 -16.09 -4.72 2.26
C ASN B 72 -17.17 -4.08 3.13
N PRO B 73 -18.41 -4.59 3.01
CA PRO B 73 -19.59 -4.02 3.66
C PRO B 73 -19.58 -4.19 5.19
N ASP B 74 -18.73 -5.08 5.68
CA ASP B 74 -18.70 -5.44 7.10
C ASP B 74 -17.56 -4.80 7.91
N LEU B 75 -16.98 -3.72 7.39
CA LEU B 75 -15.84 -3.08 8.03
C LEU B 75 -16.16 -2.61 9.43
N GLY B 76 -17.39 -2.13 9.64
CA GLY B 76 -17.82 -1.70 10.95
C GLY B 76 -17.83 -2.78 12.01
N THR B 77 -18.23 -4.00 11.63
CA THR B 77 -18.29 -5.13 12.58
C THR B 77 -17.00 -5.95 12.65
N LEU B 78 -16.14 -5.82 11.64
CA LEU B 78 -14.88 -6.56 11.60
C LEU B 78 -13.71 -5.80 12.25
N CYS B 79 -13.83 -4.48 12.34
CA CYS B 79 -12.71 -3.64 12.75
C CYS B 79 -12.97 -2.95 14.07
N ASN B 80 -11.95 -2.87 14.91
CA ASN B 80 -11.98 -1.98 16.06
C ASN B 80 -11.24 -0.68 15.68
N VAL B 81 -10.13 -0.84 14.98
CA VAL B 81 -9.37 0.28 14.46
C VAL B 81 -9.29 0.12 12.96
N ILE B 82 -9.55 1.19 12.24
CA ILE B 82 -9.30 1.17 10.82
C ILE B 82 -8.17 2.15 10.52
N TYR B 83 -7.28 1.74 9.64
CA TYR B 83 -6.19 2.57 9.20
C TYR B 83 -6.45 2.80 7.72
N LEU B 84 -6.80 4.03 7.35
CA LEU B 84 -7.30 4.33 6.02
C LEU B 84 -6.23 4.88 5.07
N GLY B 85 -6.01 4.19 3.95
CA GLY B 85 -5.06 4.64 2.95
C GLY B 85 -5.75 5.49 1.90
N VAL B 86 -5.16 5.57 0.72
CA VAL B 86 -5.68 6.41 -0.35
C VAL B 86 -7.04 5.93 -0.88
N VAL B 87 -8.06 6.78 -0.79
CA VAL B 87 -9.36 6.47 -1.36
C VAL B 87 -9.94 7.72 -2.03
N ASP B 88 -10.76 7.55 -3.06
CA ASP B 88 -11.43 8.70 -3.65
C ASP B 88 -12.75 8.99 -2.94
N GLU B 89 -13.45 10.03 -3.39
CA GLU B 89 -14.66 10.48 -2.72
C GLU B 89 -15.71 9.39 -2.57
N ARG B 90 -16.05 8.70 -3.65
CA ARG B 90 -17.05 7.64 -3.61
C ARG B 90 -16.65 6.56 -2.59
N GLU B 91 -15.38 6.19 -2.57
CA GLU B 91 -14.88 5.11 -1.73
C GLU B 91 -14.86 5.46 -0.24
N ARG B 92 -14.47 6.68 0.10
CA ARG B 92 -14.41 7.02 1.52
C ARG B 92 -15.80 7.11 2.13
N GLN B 93 -16.77 7.70 1.44
CA GLN B 93 -18.08 7.75 2.07
C GLN B 93 -18.75 6.37 1.95
N GLN B 94 -18.21 5.52 1.10
CA GLN B 94 -18.59 4.12 1.10
C GLN B 94 -18.09 3.46 2.39
N VAL B 95 -16.82 3.69 2.70
CA VAL B 95 -16.19 3.14 3.90
C VAL B 95 -16.89 3.58 5.20
N PHE B 96 -17.17 4.87 5.33
CA PHE B 96 -17.74 5.39 6.55
C PHE B 96 -19.22 5.09 6.70
N ARG B 97 -19.89 4.73 5.59
CA ARG B 97 -21.26 4.24 5.69
C ARG B 97 -21.25 2.92 6.43
N SER B 98 -20.21 2.12 6.19
CA SER B 98 -20.02 0.83 6.85
C SER B 98 -19.60 0.96 8.31
N LEU B 99 -19.03 2.12 8.67
CA LEU B 99 -18.56 2.35 10.03
C LEU B 99 -19.61 3.02 10.91
N ALA B 100 -20.54 3.74 10.29
CA ALA B 100 -21.60 4.45 11.03
C ALA B 100 -22.39 3.49 11.90
N GLY B 101 -22.49 3.80 13.19
CA GLY B 101 -23.20 2.96 14.11
C GLY B 101 -22.29 2.07 14.94
N HIS B 102 -21.05 1.92 14.51
CA HIS B 102 -20.13 1.04 15.22
C HIS B 102 -19.00 1.80 15.91
N PRO B 103 -18.58 1.31 17.09
CA PRO B 103 -17.47 1.87 17.86
C PRO B 103 -16.11 1.59 17.21
N VAL B 104 -15.74 2.39 16.20
CA VAL B 104 -14.51 2.17 15.46
C VAL B 104 -13.60 3.37 15.47
N LEU B 105 -12.36 3.20 15.93
CA LEU B 105 -11.34 4.25 15.84
C LEU B 105 -10.73 4.31 14.42
N SER B 106 -10.76 5.48 13.80
CA SER B 106 -10.32 5.59 12.41
C SER B 106 -9.15 6.54 12.27
N ILE B 107 -8.15 6.11 11.51
CA ILE B 107 -6.93 6.90 11.33
C ILE B 107 -6.52 6.82 9.87
N SER B 108 -6.27 7.96 9.24
CA SER B 108 -5.86 7.92 7.84
C SER B 108 -4.40 8.28 7.68
N GLU B 109 -3.73 7.60 6.78
CA GLU B 109 -2.29 7.75 6.59
C GLU B 109 -1.90 9.15 6.07
N ARG B 110 -2.78 9.77 5.29
CA ARG B 110 -2.56 11.14 4.80
C ARG B 110 -3.69 12.04 5.27
N GLY B 111 -3.36 13.27 5.63
CA GLY B 111 -4.36 14.15 6.19
C GLY B 111 -4.01 15.60 6.01
N THR B 112 -4.24 16.10 4.80
CA THR B 112 -3.87 17.46 4.46
C THR B 112 -4.72 18.47 5.23
N GLU B 113 -5.93 18.07 5.61
CA GLU B 113 -6.83 19.02 6.27
C GLU B 113 -7.80 18.39 7.27
N CYS B 114 -8.14 17.12 7.10
CA CYS B 114 -8.78 16.32 8.15
C CYS B 114 -10.09 16.91 8.69
N SER B 115 -10.94 17.42 7.79
CA SER B 115 -12.20 17.99 8.23
C SER B 115 -13.36 17.07 7.86
N VAL B 116 -13.07 16.05 7.05
CA VAL B 116 -14.09 15.06 6.70
C VAL B 116 -13.51 13.65 6.58
N GLY B 117 -14.07 12.74 7.37
CA GLY B 117 -13.63 11.36 7.37
C GLY B 117 -13.14 10.88 8.72
N SER B 118 -11.84 10.60 8.81
CA SER B 118 -11.25 9.93 9.97
C SER B 118 -11.13 10.82 11.20
N MET B 119 -11.13 10.17 12.35
CA MET B 119 -10.90 10.81 13.64
C MET B 119 -9.54 11.51 13.69
N PHE B 120 -8.54 10.82 13.13
CA PHE B 120 -7.16 11.29 13.18
C PHE B 120 -6.54 11.19 11.81
N CYS B 121 -5.65 12.12 11.49
CA CYS B 121 -4.95 12.09 10.20
C CYS B 121 -3.46 12.30 10.39
N LEU B 122 -2.67 11.29 10.04
CA LEU B 122 -1.21 11.38 10.16
C LEU B 122 -0.65 12.31 9.11
N ASN B 123 0.45 12.95 9.47
CA ASN B 123 1.29 13.59 8.48
C ASN B 123 2.67 12.99 8.69
N VAL B 124 3.02 12.05 7.82
CA VAL B 124 4.22 11.23 8.00
C VAL B 124 5.49 11.90 7.45
N GLY B 125 5.31 12.83 6.51
CA GLY B 125 6.43 13.56 5.96
C GLY B 125 7.07 14.44 7.00
N GLY B 126 8.26 14.96 6.69
CA GLY B 126 8.98 15.84 7.59
C GLY B 126 9.92 15.06 8.49
N PRO B 127 10.61 15.76 9.40
CA PRO B 127 11.55 15.11 10.32
C PRO B 127 10.85 14.14 11.28
N ARG B 128 9.70 14.54 11.83
CA ARG B 128 8.94 13.66 12.72
C ARG B 128 7.49 13.53 12.25
N ILE B 129 6.85 12.44 12.65
CA ILE B 129 5.44 12.21 12.36
C ILE B 129 4.54 13.12 13.23
N THR B 130 3.65 13.87 12.58
CA THR B 130 2.65 14.62 13.34
C THR B 130 1.26 14.15 12.94
N PHE B 131 0.24 14.58 13.67
CA PHE B 131 -1.12 14.23 13.30
C PHE B 131 -2.15 15.26 13.75
N GLU B 132 -3.27 15.30 13.03
CA GLU B 132 -4.34 16.22 13.36
C GLU B 132 -5.57 15.46 13.82
N ALA B 133 -6.41 16.15 14.60
CA ALA B 133 -7.61 15.52 15.15
C ALA B 133 -8.88 16.16 14.57
N ASN B 134 -9.82 15.32 14.19
CA ASN B 134 -11.13 15.75 13.71
C ASN B 134 -12.17 15.64 14.84
N LEU B 135 -12.45 16.76 15.49
CA LEU B 135 -13.31 16.76 16.67
C LEU B 135 -14.75 16.28 16.42
N ASP B 136 -15.29 16.57 15.24
CA ASP B 136 -16.61 16.09 14.89
C ASP B 136 -16.61 14.58 14.78
N SER B 137 -15.69 14.04 13.97
CA SER B 137 -15.53 12.59 13.82
C SER B 137 -15.38 11.89 15.16
N ILE B 138 -14.65 12.53 16.07
CA ILE B 138 -14.39 11.95 17.38
C ILE B 138 -15.66 11.90 18.23
N ALA B 139 -16.51 12.91 18.08
CA ALA B 139 -17.75 12.95 18.85
C ALA B 139 -18.78 11.94 18.32
N ARG B 140 -18.80 11.75 17.01
CA ARG B 140 -19.75 10.81 16.38
C ARG B 140 -19.14 9.44 16.23
N SER B 141 -18.18 9.12 17.08
CA SER B 141 -17.28 8.00 16.83
C SER B 141 -17.75 6.64 17.37
N GLY B 142 -18.46 6.67 18.49
CA GLY B 142 -18.86 5.44 19.13
C GLY B 142 -17.89 5.04 20.24
N VAL B 143 -16.63 5.47 20.13
CA VAL B 143 -15.64 5.17 21.15
C VAL B 143 -15.39 6.41 22.00
N ARG B 144 -14.64 6.24 23.08
CA ARG B 144 -14.33 7.33 23.99
C ARG B 144 -12.87 7.74 23.86
N VAL B 145 -12.63 9.04 23.70
CA VAL B 145 -11.29 9.55 23.53
C VAL B 145 -10.93 10.46 24.69
N HIS B 146 -10.00 10.01 25.54
CA HIS B 146 -9.45 10.84 26.60
C HIS B 146 -8.87 12.13 25.99
N PRO B 147 -9.36 13.31 26.42
CA PRO B 147 -8.98 14.55 25.75
C PRO B 147 -7.48 14.85 25.81
N SER B 148 -6.74 14.13 26.65
CA SER B 148 -5.30 14.34 26.72
C SER B 148 -4.62 14.14 25.36
N VAL B 149 -5.18 13.26 24.55
CA VAL B 149 -4.60 12.93 23.26
C VAL B 149 -4.45 14.14 22.35
N LEU B 150 -5.21 15.20 22.62
CA LEU B 150 -5.13 16.39 21.80
C LEU B 150 -3.83 17.15 22.08
N LYS B 151 -3.26 16.89 23.25
CA LYS B 151 -1.97 17.47 23.60
C LYS B 151 -0.85 16.76 22.84
N LEU B 152 -1.18 15.65 22.17
CA LEU B 152 -0.22 14.92 21.34
C LEU B 152 -0.34 15.23 19.85
N ALA B 153 -1.28 16.11 19.49
CA ALA B 153 -1.50 16.46 18.07
C ALA B 153 -0.84 17.80 17.71
N ARG B 154 -0.78 18.10 16.40
CA ARG B 154 -0.28 19.40 15.91
C ARG B 154 -1.25 20.54 16.27
N TRP C . 12.19 -5.66 -27.25
CA TRP C . 11.04 -6.28 -27.92
C TRP C . 11.48 -7.23 -29.04
O TRP C . 11.39 -6.90 -30.22
CB TRP C . 10.11 -5.18 -28.47
CG TRP C . 8.73 -5.68 -28.83
CD1 TRP C . 8.24 -5.95 -30.08
CD2 TRP C . 7.67 -6.00 -27.91
NE1 TRP C . 6.94 -6.40 -30.00
CE2 TRP C . 6.57 -6.44 -28.68
CE3 TRP C . 7.55 -5.95 -26.51
CZ2 TRP C . 5.36 -6.83 -28.09
CZ3 TRP C . 6.33 -6.34 -25.93
CH2 TRP C . 5.26 -6.78 -26.72
OXT TRP C . 11.93 -8.35 -28.78
S SO4 D . -11.47 -8.90 2.43
O1 SO4 D . -11.88 -7.50 2.37
O2 SO4 D . -12.55 -9.71 1.90
O3 SO4 D . -10.25 -9.10 1.67
O4 SO4 D . -11.17 -9.27 3.83
S SO4 E . 14.35 5.30 0.78
O1 SO4 E . 13.25 4.54 1.31
O2 SO4 E . 14.44 5.06 -0.65
O3 SO4 E . 15.60 4.90 1.45
O4 SO4 E . 14.11 6.72 1.02
#